data_5YXW
#
_entry.id   5YXW
#
_cell.length_a   167.389
_cell.length_b   167.389
_cell.length_c   167.389
_cell.angle_alpha   90.00
_cell.angle_beta   90.00
_cell.angle_gamma   90.00
#
_symmetry.space_group_name_H-M   'I 21 3'
#
loop_
_entity.id
_entity.type
_entity.pdbx_description
1 polymer 'glycoprotein F2'
2 polymer 'glycoprotein F1,measles virus fusion protein'
3 branched 2-acetamido-2-deoxy-beta-D-glucopyranose-(1-4)-2-acetamido-2-deoxy-beta-D-glucopyranose
4 non-polymer 2-acetamido-2-deoxy-beta-D-glucopyranose
5 water water
#
loop_
_entity_poly.entity_id
_entity_poly.type
_entity_poly.pdbx_seq_one_letter_code
_entity_poly.pdbx_strand_id
1 'polypeptide(L)'
;GTPTGQIHWGNLSKIGVVGIGSASYKVMTRSSHQSLVIKLMPNITLLNNCTRVEIAEYRRLLRTVLEPIRDALNAMTQNI
RPVQSVASSRRHKR
;
A
2 'polypeptide(L)'
;FAGVVLAGAALGVATAAQITAGIALHQSMLNSQAIDNLRASLETTNQAIEAIRQAGQEMILAVQGVQDYINNELIPSMNQ
LSCDLIGQKLGLKLLRYYTEILSLFGPSLRDPISAEISIQALSYALGGDINKVLEKLGYSGGDLLGILESRGIKARITHV
DTESYFIVLSIAYPTLSEIKGVIVHRLEGVSYNIGSQEWYTTVPKYVATQGYLISNFDESSCTFMPEGTVCSQNALYPMS
PLLQECLRGSTKSCARTLVSGSFGNRFILSQGNLIANCASILCKCYTTGTIINQDPDKILTYIAADHCPVVEVNGVTIQV
GSRRYPDAVYLHRIDLGPPISLERLDVGTNLGNAIAKLEDAKELLESSDQCCRSMKGCCSTSLEGIEGRAGWSHPQFEKG
GGSGGGSGGGSWSHPQFEK
;
B
#
# COMPACT_ATOMS: atom_id res chain seq x y z
N THR A 2 -0.14 0.08 31.31
CA THR A 2 -0.17 1.49 30.85
C THR A 2 1.16 1.99 30.23
N PRO A 3 1.20 2.11 28.90
CA PRO A 3 2.33 2.79 28.25
C PRO A 3 2.22 4.31 28.38
N THR A 4 3.37 4.97 28.24
CA THR A 4 3.43 6.43 28.27
C THR A 4 4.39 6.90 27.17
N GLY A 5 4.17 8.13 26.72
CA GLY A 5 5.27 8.88 26.14
C GLY A 5 4.99 10.28 25.65
N GLN A 6 5.06 10.43 24.32
CA GLN A 6 4.71 11.65 23.58
C GLN A 6 3.24 11.99 23.75
N ILE A 7 2.39 11.06 23.39
CA ILE A 7 0.96 11.31 23.34
C ILE A 7 0.40 11.28 24.76
N HIS A 8 -0.44 12.26 25.08
CA HIS A 8 -0.89 12.51 26.45
C HIS A 8 -2.23 11.84 26.72
N TRP A 9 -2.20 10.56 27.12
CA TRP A 9 -3.42 9.75 27.12
C TRP A 9 -4.47 10.30 28.07
N GLY A 10 -4.06 10.89 29.19
CA GLY A 10 -5.03 11.36 30.16
C GLY A 10 -5.92 12.46 29.60
N ASN A 11 -5.29 13.49 29.05
CA ASN A 11 -6.05 14.66 28.61
C ASN A 11 -6.91 14.31 27.38
N LEU A 12 -6.39 13.44 26.51
CA LEU A 12 -7.18 12.94 25.40
C LEU A 12 -8.39 12.15 25.88
N SER A 13 -8.23 11.38 26.95
CA SER A 13 -9.37 10.61 27.43
C SER A 13 -10.49 11.53 27.89
N LYS A 14 -10.15 12.76 28.31
CA LYS A 14 -11.20 13.67 28.69
C LYS A 14 -12.05 14.13 27.51
N ILE A 15 -11.58 13.96 26.28
CA ILE A 15 -12.39 14.37 25.14
C ILE A 15 -12.66 13.15 24.26
N GLY A 16 -12.70 11.97 24.89
CA GLY A 16 -13.17 10.74 24.29
C GLY A 16 -12.19 9.96 23.42
N VAL A 17 -10.90 10.29 23.42
CA VAL A 17 -9.92 9.67 22.54
C VAL A 17 -9.07 8.71 23.38
N VAL A 18 -8.96 7.46 22.94
CA VAL A 18 -8.02 6.51 23.56
C VAL A 18 -7.20 5.82 22.48
N GLY A 19 -6.05 5.30 22.89
CA GLY A 19 -5.25 4.48 22.02
C GLY A 19 -5.67 3.04 22.20
N ILE A 20 -5.91 2.36 21.08
CA ILE A 20 -6.33 0.97 21.07
C ILE A 20 -5.29 0.08 20.38
N GLY A 21 -4.03 0.51 20.31
CA GLY A 21 -2.99 -0.41 19.90
C GLY A 21 -1.77 0.28 19.34
N SER A 22 -0.59 -0.21 19.68
CA SER A 22 0.65 0.28 19.10
C SER A 22 1.41 -0.87 18.46
N ALA A 23 2.25 -0.53 17.48
CA ALA A 23 3.14 -1.50 16.86
C ALA A 23 4.40 -0.80 16.39
N SER A 24 5.48 -1.58 16.31
CA SER A 24 6.70 -1.17 15.61
C SER A 24 6.46 -1.02 14.11
N TYR A 25 7.43 -0.41 13.44
CA TYR A 25 7.28 0.04 12.07
C TYR A 25 8.38 -0.62 11.24
N LYS A 26 7.98 -1.43 10.26
CA LYS A 26 8.95 -2.16 9.46
C LYS A 26 8.75 -1.78 8.00
N VAL A 27 9.82 -1.40 7.35
CA VAL A 27 9.79 -1.07 5.94
C VAL A 27 10.61 -2.12 5.19
N MET A 28 10.26 -2.30 3.92
CA MET A 28 10.90 -3.25 3.01
C MET A 28 12.11 -2.67 2.26
N THR A 29 13.21 -3.42 2.27
CA THR A 29 14.36 -3.10 1.44
C THR A 29 14.58 -4.21 0.41
N ARG A 30 14.99 -3.80 -0.82
CA ARG A 30 15.29 -4.63 -1.98
C ARG A 30 16.79 -4.79 -1.99
N SER A 31 17.26 -6.01 -2.23
CA SER A 31 18.67 -6.29 -2.46
C SER A 31 18.80 -7.44 -3.47
N SER A 32 20.02 -7.60 -4.00
CA SER A 32 20.31 -8.67 -4.94
C SER A 32 19.55 -8.54 -6.26
N HIS A 33 19.45 -9.63 -7.01
CA HIS A 33 18.89 -9.58 -8.35
C HIS A 33 18.53 -11.00 -8.74
N GLN A 34 17.62 -11.10 -9.69
CA GLN A 34 17.22 -12.36 -10.30
C GLN A 34 16.52 -12.02 -11.60
N SER A 35 16.83 -12.74 -12.67
CA SER A 35 16.21 -12.41 -13.95
C SER A 35 14.97 -13.26 -14.18
N LEU A 36 13.93 -12.61 -14.62
CA LEU A 36 12.66 -13.20 -15.00
C LEU A 36 12.40 -12.78 -16.43
N VAL A 37 12.05 -13.73 -17.28
CA VAL A 37 11.81 -13.43 -18.69
C VAL A 37 10.38 -13.87 -19.01
N ILE A 38 9.59 -12.93 -19.53
CA ILE A 38 8.25 -13.24 -19.99
C ILE A 38 8.37 -13.66 -21.44
N LYS A 39 8.19 -14.95 -21.68
CA LYS A 39 8.28 -15.50 -23.02
C LYS A 39 6.94 -15.29 -23.74
N LEU A 40 6.90 -14.33 -24.67
CA LEU A 40 5.63 -13.93 -25.29
C LEU A 40 5.15 -14.88 -26.39
N MET A 41 6.04 -15.67 -27.02
CA MET A 41 5.67 -16.60 -28.09
C MET A 41 5.55 -18.00 -27.53
N PRO A 42 4.38 -18.60 -27.51
CA PRO A 42 4.26 -19.96 -26.97
C PRO A 42 4.76 -21.01 -27.96
N ASN A 43 5.07 -22.18 -27.40
CA ASN A 43 5.45 -23.32 -28.21
C ASN A 43 4.18 -23.97 -28.76
N ILE A 44 4.02 -23.94 -30.07
CA ILE A 44 2.81 -24.43 -30.73
C ILE A 44 3.05 -25.59 -31.69
N THR A 45 4.23 -26.24 -31.68
CA THR A 45 4.48 -27.21 -32.77
C THR A 45 3.51 -28.38 -32.74
N LEU A 46 3.09 -28.82 -31.54
CA LEU A 46 2.17 -29.95 -31.49
C LEU A 46 0.79 -29.57 -31.86
N LEU A 47 0.58 -28.34 -32.35
CA LEU A 47 -0.71 -27.93 -32.89
C LEU A 47 -0.69 -27.86 -34.41
N ASN A 48 0.43 -28.21 -35.04
CA ASN A 48 0.56 -28.45 -36.48
C ASN A 48 -0.13 -27.36 -37.31
N ASN A 49 0.36 -26.12 -37.11
CA ASN A 49 0.06 -24.94 -37.93
C ASN A 49 -1.42 -24.56 -37.91
N CYS A 50 -2.22 -25.10 -37.00
CA CYS A 50 -3.65 -24.78 -36.97
C CYS A 50 -3.89 -23.39 -36.43
N THR A 51 -2.87 -22.76 -35.87
CA THR A 51 -3.00 -21.48 -35.20
C THR A 51 -2.15 -20.43 -35.87
N ARG A 52 -1.72 -20.64 -37.12
CA ARG A 52 -0.79 -19.70 -37.76
C ARG A 52 -1.37 -18.31 -37.86
N VAL A 53 -2.63 -18.19 -38.31
CA VAL A 53 -3.19 -16.86 -38.51
C VAL A 53 -3.29 -16.13 -37.17
N GLU A 54 -3.76 -16.83 -36.14
CA GLU A 54 -3.96 -16.20 -34.84
C GLU A 54 -2.62 -15.80 -34.21
N ILE A 55 -1.59 -16.65 -34.33
CA ILE A 55 -0.27 -16.31 -33.80
C ILE A 55 0.33 -15.11 -34.52
N ALA A 56 0.19 -15.05 -35.84
CA ALA A 56 0.78 -13.96 -36.59
C ALA A 56 0.13 -12.64 -36.23
N GLU A 57 -1.17 -12.66 -35.98
CA GLU A 57 -1.85 -11.43 -35.64
C GLU A 57 -1.48 -10.97 -34.24
N TYR A 58 -1.42 -11.91 -33.30
CA TYR A 58 -0.89 -11.65 -31.96
C TYR A 58 0.50 -11.03 -31.99
N ARG A 59 1.42 -11.64 -32.73
CA ARG A 59 2.78 -11.13 -32.83
C ARG A 59 2.78 -9.70 -33.38
N ARG A 60 1.90 -9.43 -34.34
CA ARG A 60 1.82 -8.09 -34.92
C ARG A 60 1.29 -7.05 -33.93
N LEU A 61 0.29 -7.43 -33.14
CA LEU A 61 -0.25 -6.54 -32.10
C LEU A 61 0.80 -6.23 -31.03
N LEU A 62 1.62 -7.22 -30.66
CA LEU A 62 2.67 -7.04 -29.67
C LEU A 62 3.72 -6.02 -30.10
N ARG A 63 4.08 -5.99 -31.40
CA ARG A 63 5.15 -5.09 -31.80
C ARG A 63 4.84 -3.65 -31.45
N THR A 64 3.60 -3.23 -31.65
CA THR A 64 3.23 -1.85 -31.40
C THR A 64 3.49 -1.45 -29.95
N VAL A 65 3.32 -2.39 -29.03
CA VAL A 65 3.56 -2.15 -27.61
C VAL A 65 5.04 -2.26 -27.30
N LEU A 66 5.73 -3.23 -27.91
CA LEU A 66 7.10 -3.52 -27.47
C LEU A 66 8.10 -2.50 -28.02
N GLU A 67 7.92 -2.07 -29.27
CA GLU A 67 8.95 -1.25 -29.89
C GLU A 67 9.25 0.01 -29.10
N PRO A 68 8.27 0.77 -28.61
CA PRO A 68 8.61 1.99 -27.88
C PRO A 68 9.42 1.74 -26.63
N ILE A 69 9.16 0.64 -25.91
CA ILE A 69 9.96 0.33 -24.73
C ILE A 69 11.37 -0.03 -25.12
N ARG A 70 11.53 -0.90 -26.12
CA ARG A 70 12.87 -1.23 -26.57
C ARG A 70 13.63 0.03 -26.93
N ASP A 71 12.98 0.98 -27.60
CA ASP A 71 13.68 2.20 -27.98
C ASP A 71 14.13 2.99 -26.76
N ALA A 72 13.26 3.07 -25.74
CA ALA A 72 13.59 3.82 -24.53
C ALA A 72 14.78 3.18 -23.81
N LEU A 73 14.82 1.85 -23.75
CA LEU A 73 15.95 1.20 -23.10
C LEU A 73 17.24 1.44 -23.86
N ASN A 74 17.20 1.39 -25.18
CA ASN A 74 18.41 1.63 -25.95
C ASN A 74 18.84 3.08 -25.84
N ALA A 75 17.87 4.01 -25.76
CA ALA A 75 18.19 5.44 -25.65
C ALA A 75 19.00 5.74 -24.39
N MET A 76 18.76 4.98 -23.31
CA MET A 76 19.36 5.27 -22.02
C MET A 76 20.79 4.72 -21.98
N THR A 77 20.96 3.44 -22.33
CA THR A 77 22.26 2.79 -22.27
C THR A 77 23.27 3.38 -23.25
N GLN A 78 22.81 4.08 -24.28
CA GLN A 78 23.74 4.82 -25.13
C GLN A 78 24.30 6.04 -24.44
N ASN A 79 23.71 6.45 -23.32
CA ASN A 79 24.27 7.47 -22.46
C ASN A 79 24.98 6.88 -21.24
N ILE A 80 25.27 5.60 -21.23
CA ILE A 80 25.96 4.97 -20.12
C ILE A 80 27.25 4.43 -20.69
N ARG A 81 28.36 5.09 -20.38
CA ARG A 81 29.67 4.88 -20.99
C ARG A 81 30.61 4.34 -19.93
N PRO A 82 31.75 3.75 -20.32
CA PRO A 82 32.81 3.47 -19.34
C PRO A 82 33.46 4.75 -18.86
N VAL A 83 34.12 4.66 -17.68
CA VAL A 83 34.62 5.85 -16.98
C VAL A 83 35.54 6.68 -17.86
N GLN A 84 36.42 6.03 -18.62
CA GLN A 84 37.64 6.65 -19.15
C GLN A 84 37.41 7.53 -20.39
N SER A 85 36.19 7.62 -20.91
CA SER A 85 35.85 8.55 -21.99
C SER A 85 36.05 10.01 -21.60
N VAL A 86 36.54 10.26 -20.37
CA VAL A 86 36.70 11.62 -19.84
C VAL A 86 38.15 12.08 -20.00
N GLY B 3 33.39 0.44 -13.66
CA GLY B 3 32.83 1.76 -13.41
C GLY B 3 32.35 2.47 -14.67
N VAL B 4 31.11 2.99 -14.60
CA VAL B 4 30.45 3.62 -15.73
C VAL B 4 30.08 5.05 -15.35
N VAL B 5 29.88 5.89 -16.38
CA VAL B 5 29.50 7.27 -16.17
C VAL B 5 28.27 7.56 -17.02
N LEU B 6 27.35 8.33 -16.44
CA LEU B 6 26.16 8.83 -17.11
C LEU B 6 26.49 10.11 -17.85
N ALA B 7 26.06 10.20 -19.11
CA ALA B 7 26.31 11.34 -19.99
C ALA B 7 25.27 12.41 -19.72
N GLY B 8 25.53 13.27 -18.73
CA GLY B 8 24.47 14.13 -18.23
C GLY B 8 24.12 15.27 -19.18
N ALA B 9 25.08 15.79 -19.91
CA ALA B 9 24.79 16.86 -20.86
C ALA B 9 23.89 16.37 -22.00
N ALA B 10 24.15 15.17 -22.49
CA ALA B 10 23.34 14.61 -23.58
C ALA B 10 21.93 14.35 -23.09
N LEU B 11 21.80 13.69 -21.95
CA LEU B 11 20.50 13.35 -21.45
C LEU B 11 19.78 14.59 -20.94
N GLY B 12 20.53 15.55 -20.42
CA GLY B 12 19.98 16.86 -20.14
C GLY B 12 19.12 17.00 -18.90
N VAL B 13 18.13 16.11 -18.72
CA VAL B 13 17.21 16.19 -17.59
C VAL B 13 16.80 14.77 -17.22
N ALA B 14 16.75 14.50 -15.92
CA ALA B 14 16.45 13.19 -15.37
C ALA B 14 16.26 13.33 -13.86
N THR B 15 15.30 12.60 -13.32
CA THR B 15 15.13 12.51 -11.88
C THR B 15 16.16 11.55 -11.25
N ALA B 16 16.34 11.68 -9.95
CA ALA B 16 17.16 10.69 -9.26
C ALA B 16 16.64 9.28 -9.51
N ALA B 17 15.31 9.07 -9.46
CA ALA B 17 14.79 7.75 -9.78
C ALA B 17 15.20 7.28 -11.17
N GLN B 18 15.21 8.18 -12.17
CA GLN B 18 15.56 7.76 -13.53
C GLN B 18 17.06 7.54 -13.67
N ILE B 19 17.86 8.39 -13.04
CA ILE B 19 19.31 8.21 -13.07
C ILE B 19 19.68 6.85 -12.47
N THR B 20 19.14 6.55 -11.28
CA THR B 20 19.47 5.32 -10.55
C THR B 20 18.98 4.06 -11.26
N ALA B 21 17.79 4.10 -11.84
CA ALA B 21 17.32 2.96 -12.62
C ALA B 21 18.14 2.76 -13.88
N GLY B 22 18.61 3.84 -14.49
CA GLY B 22 19.43 3.69 -15.69
C GLY B 22 20.76 3.02 -15.42
N ILE B 23 21.43 3.43 -14.33
CA ILE B 23 22.67 2.77 -13.95
C ILE B 23 22.41 1.31 -13.60
N ALA B 24 21.38 1.07 -12.77
CA ALA B 24 20.95 -0.29 -12.46
C ALA B 24 20.62 -1.08 -13.72
N LEU B 25 20.02 -0.42 -14.71
CA LEU B 25 19.78 -1.07 -15.99
C LEU B 25 21.07 -1.52 -16.63
N HIS B 26 22.11 -0.70 -16.57
CA HIS B 26 23.36 -1.09 -17.20
C HIS B 26 23.97 -2.26 -16.47
N GLN B 27 23.86 -2.25 -15.13
CA GLN B 27 24.51 -3.25 -14.30
C GLN B 27 23.77 -4.58 -14.32
N SER B 28 22.45 -4.57 -14.55
CA SER B 28 21.63 -5.77 -14.43
C SER B 28 21.20 -6.37 -15.76
N MET B 29 21.40 -5.67 -16.88
CA MET B 29 20.95 -6.23 -18.14
C MET B 29 21.85 -7.39 -18.53
N LEU B 30 21.25 -8.39 -19.19
CA LEU B 30 22.02 -9.50 -19.73
C LEU B 30 22.94 -9.01 -20.83
N ASN B 31 24.16 -9.54 -20.83
CA ASN B 31 25.22 -9.36 -21.83
C ASN B 31 24.72 -9.66 -23.25
N SER B 32 25.36 -9.09 -24.28
CA SER B 32 24.84 -9.27 -25.64
C SER B 32 24.76 -10.72 -26.05
N GLN B 33 25.69 -11.56 -25.56
CA GLN B 33 25.66 -12.96 -25.93
C GLN B 33 24.87 -13.82 -24.97
N ALA B 34 24.65 -13.38 -23.72
CA ALA B 34 23.62 -14.03 -22.92
C ALA B 34 22.24 -13.94 -23.56
N ILE B 35 21.98 -12.88 -24.32
CA ILE B 35 20.69 -12.74 -25.00
C ILE B 35 20.52 -13.77 -26.12
N ASP B 36 21.56 -13.98 -26.95
CA ASP B 36 21.44 -14.99 -28.02
C ASP B 36 21.28 -16.39 -27.45
N ASN B 37 21.99 -16.68 -26.36
CA ASN B 37 21.79 -17.92 -25.63
C ASN B 37 20.38 -18.00 -25.05
N LEU B 38 19.95 -16.94 -24.37
CA LEU B 38 18.58 -16.92 -23.85
C LEU B 38 17.56 -17.09 -24.98
N ARG B 39 17.78 -16.38 -26.09
CA ARG B 39 16.86 -16.49 -27.21
C ARG B 39 16.76 -17.94 -27.68
N ALA B 40 17.87 -18.67 -27.68
CA ALA B 40 17.85 -20.05 -28.14
C ALA B 40 17.25 -20.99 -27.13
N SER B 41 17.51 -20.78 -25.83
CA SER B 41 16.90 -21.60 -24.80
C SER B 41 15.39 -21.43 -24.78
N LEU B 42 14.90 -20.20 -24.99
CA LEU B 42 13.45 -20.00 -25.01
C LEU B 42 12.84 -20.75 -26.17
N GLU B 43 13.53 -20.78 -27.30
CA GLU B 43 12.91 -21.32 -28.51
C GLU B 43 12.54 -22.79 -28.31
N THR B 44 13.36 -23.53 -27.56
CA THR B 44 13.22 -24.97 -27.44
C THR B 44 12.45 -25.44 -26.22
N THR B 45 11.89 -24.54 -25.41
CA THR B 45 11.21 -25.01 -24.21
C THR B 45 9.71 -25.05 -24.46
N ASN B 46 9.00 -25.75 -23.58
CA ASN B 46 7.57 -25.92 -23.81
C ASN B 46 6.73 -25.91 -22.54
N GLN B 47 7.27 -25.37 -21.44
CA GLN B 47 6.57 -25.25 -20.16
C GLN B 47 5.98 -23.87 -19.97
N ALA B 48 5.00 -23.80 -19.07
CA ALA B 48 4.51 -22.51 -18.57
C ALA B 48 5.54 -21.81 -17.69
N ILE B 49 6.25 -22.56 -16.84
CA ILE B 49 7.28 -21.98 -15.97
C ILE B 49 8.48 -22.90 -16.05
N GLU B 50 9.67 -22.33 -16.13
CA GLU B 50 10.85 -23.16 -16.33
C GLU B 50 12.09 -22.42 -15.88
N ALA B 51 12.87 -23.02 -14.99
CA ALA B 51 14.16 -22.48 -14.58
C ALA B 51 15.19 -22.81 -15.64
N ILE B 52 15.70 -21.80 -16.32
CA ILE B 52 16.67 -22.00 -17.41
C ILE B 52 18.06 -21.93 -16.79
N ARG B 53 18.71 -23.09 -16.66
CA ARG B 53 19.97 -23.23 -15.97
C ARG B 53 21.03 -23.41 -17.06
N GLN B 54 21.93 -22.44 -17.18
CA GLN B 54 23.14 -22.58 -17.97
C GLN B 54 24.31 -22.47 -16.99
N ALA B 55 25.06 -23.55 -16.82
CA ALA B 55 26.22 -23.53 -15.92
C ALA B 55 27.15 -22.36 -16.22
N GLY B 56 27.66 -21.73 -15.16
CA GLY B 56 28.35 -20.45 -15.27
C GLY B 56 27.49 -19.24 -14.99
N GLN B 57 26.47 -19.01 -15.84
CA GLN B 57 25.49 -17.95 -15.60
C GLN B 57 24.46 -18.38 -14.57
N GLU B 58 23.80 -17.39 -13.97
CA GLU B 58 22.72 -17.65 -13.01
C GLU B 58 21.45 -18.13 -13.71
N MET B 59 20.60 -18.78 -12.92
CA MET B 59 19.32 -19.25 -13.41
C MET B 59 18.45 -18.09 -13.85
N ILE B 60 17.74 -18.28 -14.95
CA ILE B 60 16.78 -17.32 -15.47
C ILE B 60 15.43 -18.02 -15.52
N LEU B 61 14.43 -17.42 -14.87
CA LEU B 61 13.10 -18.01 -14.76
C LEU B 61 12.25 -17.56 -15.94
N ALA B 62 11.82 -18.50 -16.77
CA ALA B 62 11.08 -18.18 -17.98
C ALA B 62 9.60 -18.53 -17.80
N VAL B 63 8.72 -17.60 -18.16
CA VAL B 63 7.29 -17.79 -17.93
C VAL B 63 6.55 -17.52 -19.23
N GLN B 64 5.65 -18.42 -19.59
CA GLN B 64 4.90 -18.35 -20.82
C GLN B 64 3.42 -18.32 -20.49
N GLY B 65 2.75 -17.22 -20.83
CA GLY B 65 1.45 -16.96 -20.22
C GLY B 65 0.29 -17.81 -20.73
N VAL B 66 0.42 -18.46 -21.91
CA VAL B 66 -0.67 -19.30 -22.42
C VAL B 66 -0.24 -20.74 -22.65
N GLN B 67 0.96 -21.13 -22.21
CA GLN B 67 1.43 -22.49 -22.48
C GLN B 67 0.63 -23.55 -21.70
N ASP B 68 0.26 -23.29 -20.44
CA ASP B 68 -0.58 -24.25 -19.73
C ASP B 68 -1.89 -24.48 -20.46
N TYR B 69 -2.45 -23.44 -21.06
CA TYR B 69 -3.72 -23.63 -21.76
C TYR B 69 -3.50 -24.51 -22.99
N ILE B 70 -2.45 -24.21 -23.78
CA ILE B 70 -2.12 -25.05 -24.93
C ILE B 70 -1.88 -26.50 -24.50
N ASN B 71 -1.07 -26.71 -23.47
CA ASN B 71 -0.64 -28.05 -23.11
C ASN B 71 -1.77 -28.86 -22.49
N ASN B 72 -2.61 -28.23 -21.66
CA ASN B 72 -3.68 -28.94 -20.96
C ASN B 72 -4.98 -29.03 -21.73
N GLU B 73 -5.31 -28.03 -22.55
CA GLU B 73 -6.63 -27.94 -23.16
C GLU B 73 -6.64 -28.16 -24.67
N LEU B 74 -5.62 -27.67 -25.40
CA LEU B 74 -5.62 -27.76 -26.85
C LEU B 74 -4.98 -29.04 -27.39
N ILE B 75 -3.78 -29.38 -26.90
CA ILE B 75 -3.06 -30.54 -27.42
C ILE B 75 -3.79 -31.86 -27.20
N PRO B 76 -4.34 -32.16 -26.01
CA PRO B 76 -5.17 -33.36 -25.86
C PRO B 76 -6.40 -33.38 -26.75
N SER B 77 -6.80 -32.25 -27.32
CA SER B 77 -7.93 -32.17 -28.23
C SER B 77 -7.52 -32.27 -29.68
N MET B 78 -6.25 -32.51 -29.94
CA MET B 78 -5.72 -32.38 -31.29
C MET B 78 -6.42 -33.33 -32.28
N ASN B 79 -6.85 -34.51 -31.81
CA ASN B 79 -7.42 -35.54 -32.66
C ASN B 79 -8.91 -35.71 -32.38
N GLN B 80 -9.54 -34.69 -31.82
CA GLN B 80 -10.98 -34.65 -31.70
C GLN B 80 -11.62 -33.39 -32.25
N LEU B 81 -10.87 -32.30 -32.45
CA LEU B 81 -11.42 -31.04 -32.95
C LEU B 81 -10.80 -30.60 -34.27
N SER B 82 -11.57 -29.84 -35.05
CA SER B 82 -11.11 -29.38 -36.35
C SER B 82 -9.95 -28.41 -36.20
N CYS B 83 -9.27 -28.18 -37.33
CA CYS B 83 -8.10 -27.31 -37.32
C CYS B 83 -8.50 -25.84 -37.13
N ASP B 84 -9.60 -25.39 -37.74
CA ASP B 84 -10.08 -24.04 -37.41
C ASP B 84 -10.36 -23.89 -35.93
N LEU B 85 -11.00 -24.89 -35.32
CA LEU B 85 -11.51 -24.68 -33.97
C LEU B 85 -10.34 -24.53 -32.99
N ILE B 86 -9.28 -25.33 -33.16
CA ILE B 86 -8.07 -25.20 -32.34
C ILE B 86 -7.49 -23.79 -32.46
N GLY B 87 -7.35 -23.30 -33.68
CA GLY B 87 -6.89 -21.94 -33.88
C GLY B 87 -7.83 -20.89 -33.35
N GLN B 88 -9.14 -21.10 -33.44
CA GLN B 88 -10.07 -20.15 -32.85
C GLN B 88 -9.98 -20.15 -31.32
N LYS B 89 -9.90 -21.33 -30.72
CA LYS B 89 -9.79 -21.40 -29.28
C LYS B 89 -8.57 -20.64 -28.81
N LEU B 90 -7.40 -20.90 -29.43
CA LEU B 90 -6.19 -20.22 -28.99
C LEU B 90 -6.29 -18.73 -29.30
N GLY B 91 -6.91 -18.40 -30.43
CA GLY B 91 -7.01 -17.01 -30.84
C GLY B 91 -7.71 -16.13 -29.82
N LEU B 92 -8.75 -16.67 -29.17
CA LEU B 92 -9.38 -15.94 -28.08
C LEU B 92 -8.41 -15.75 -26.92
N LYS B 93 -7.64 -16.78 -26.57
CA LYS B 93 -6.71 -16.64 -25.46
C LYS B 93 -5.62 -15.61 -25.77
N LEU B 94 -5.10 -15.62 -27.00
CA LEU B 94 -4.01 -14.70 -27.34
C LEU B 94 -4.46 -13.26 -27.29
N LEU B 95 -5.68 -12.97 -27.75
CA LEU B 95 -6.15 -11.59 -27.67
C LEU B 95 -6.32 -11.16 -26.21
N ARG B 96 -6.87 -12.05 -25.36
CA ARG B 96 -7.00 -11.69 -23.94
C ARG B 96 -5.63 -11.46 -23.32
N TYR B 97 -4.63 -12.22 -23.74
CA TYR B 97 -3.28 -12.00 -23.22
C TYR B 97 -2.71 -10.69 -23.78
N TYR B 98 -2.91 -10.42 -25.07
CA TYR B 98 -2.40 -9.17 -25.60
C TYR B 98 -2.98 -7.97 -24.87
N THR B 99 -4.28 -8.04 -24.52
CA THR B 99 -4.93 -6.92 -23.85
C THR B 99 -4.27 -6.61 -22.52
N GLU B 100 -3.83 -7.65 -21.82
CA GLU B 100 -3.16 -7.47 -20.54
C GLU B 100 -1.75 -6.90 -20.70
N ILE B 101 -0.99 -7.38 -21.70
CA ILE B 101 0.30 -6.77 -22.02
C ILE B 101 0.11 -5.30 -22.37
N LEU B 102 -0.92 -4.99 -23.15
CA LEU B 102 -1.18 -3.60 -23.51
C LEU B 102 -1.48 -2.77 -22.28
N SER B 103 -2.23 -3.34 -21.33
CA SER B 103 -2.60 -2.59 -20.14
C SER B 103 -1.40 -2.29 -19.28
N LEU B 104 -0.46 -3.23 -19.19
CA LEU B 104 0.69 -3.14 -18.29
C LEU B 104 1.92 -2.47 -18.91
N PHE B 105 2.25 -2.77 -20.15
CA PHE B 105 3.44 -2.23 -20.77
C PHE B 105 3.11 -1.18 -21.82
N GLY B 106 1.84 -0.86 -22.01
CA GLY B 106 1.51 0.06 -23.06
C GLY B 106 1.71 1.48 -22.61
N PRO B 107 1.10 2.43 -23.31
CA PRO B 107 1.39 3.85 -23.03
C PRO B 107 0.97 4.34 -21.65
N SER B 108 0.05 3.65 -20.95
CA SER B 108 -0.34 4.08 -19.60
C SER B 108 0.76 3.89 -18.59
N LEU B 109 1.86 3.25 -18.98
CA LEU B 109 3.04 3.04 -18.14
C LEU B 109 3.96 4.21 -18.40
N ARG B 110 4.00 5.12 -17.43
CA ARG B 110 4.43 6.50 -17.67
C ARG B 110 5.90 6.56 -18.08
N ASP B 111 6.82 6.01 -17.28
CA ASP B 111 8.23 5.86 -17.67
C ASP B 111 8.72 4.43 -17.48
N PRO B 112 8.68 3.61 -18.52
CA PRO B 112 8.92 2.17 -18.33
C PRO B 112 10.32 1.87 -17.80
N ILE B 113 11.25 2.81 -17.97
CA ILE B 113 12.66 2.57 -17.71
C ILE B 113 12.89 2.53 -16.22
N SER B 114 12.16 3.37 -15.49
CA SER B 114 12.34 3.55 -14.06
C SER B 114 11.17 2.98 -13.27
N ALA B 115 10.21 2.36 -13.95
CA ALA B 115 9.08 1.72 -13.29
C ALA B 115 9.52 0.51 -12.48
N GLU B 116 8.88 0.34 -11.33
CA GLU B 116 9.02 -0.86 -10.51
C GLU B 116 7.64 -1.48 -10.39
N ILE B 117 7.49 -2.64 -11.00
CA ILE B 117 6.21 -3.30 -11.21
C ILE B 117 6.08 -4.38 -10.13
N SER B 118 5.01 -4.31 -9.34
CA SER B 118 4.83 -5.32 -8.30
C SER B 118 4.58 -6.68 -8.94
N ILE B 119 5.00 -7.73 -8.23
CA ILE B 119 4.81 -9.10 -8.69
C ILE B 119 3.32 -9.37 -8.88
N GLN B 120 2.47 -8.75 -8.07
CA GLN B 120 1.03 -8.98 -8.21
C GLN B 120 0.50 -8.35 -9.49
N ALA B 121 1.02 -7.19 -9.87
CA ALA B 121 0.58 -6.59 -11.13
C ALA B 121 0.94 -7.46 -12.31
N LEU B 122 1.93 -8.35 -12.17
CA LEU B 122 2.35 -9.24 -13.24
C LEU B 122 1.51 -10.50 -13.30
N SER B 123 0.53 -10.65 -12.39
CA SER B 123 -0.16 -11.92 -12.22
C SER B 123 -0.69 -12.45 -13.54
N TYR B 124 -1.39 -11.63 -14.31
CA TYR B 124 -1.97 -12.13 -15.55
C TYR B 124 -0.90 -12.40 -16.61
N ALA B 125 0.09 -11.50 -16.70
CA ALA B 125 1.17 -11.70 -17.68
C ALA B 125 1.91 -12.99 -17.43
N LEU B 126 1.86 -13.52 -16.21
CA LEU B 126 2.56 -14.72 -15.81
C LEU B 126 1.64 -15.94 -15.79
N GLY B 127 0.44 -15.82 -16.34
CA GLY B 127 -0.42 -16.96 -16.50
C GLY B 127 -1.58 -17.02 -15.54
N GLY B 128 -1.85 -15.94 -14.80
CA GLY B 128 -3.00 -15.84 -13.94
C GLY B 128 -2.79 -16.17 -12.49
N ASP B 129 -1.56 -16.39 -12.05
CA ASP B 129 -1.28 -16.80 -10.69
C ASP B 129 0.23 -16.74 -10.48
N ILE B 130 0.66 -16.43 -9.27
CA ILE B 130 2.08 -16.24 -9.01
C ILE B 130 2.65 -17.24 -8.00
N ASN B 131 1.84 -18.15 -7.46
CA ASN B 131 2.34 -19.04 -6.40
C ASN B 131 3.44 -20.01 -6.86
N LYS B 132 3.31 -20.62 -8.05
CA LYS B 132 4.37 -21.51 -8.52
C LYS B 132 5.64 -20.74 -8.89
N VAL B 133 5.48 -19.53 -9.45
CA VAL B 133 6.63 -18.66 -9.69
C VAL B 133 7.37 -18.36 -8.39
N LEU B 134 6.64 -18.01 -7.34
CA LEU B 134 7.32 -17.73 -6.09
C LEU B 134 7.95 -18.98 -5.50
N GLU B 135 7.27 -20.12 -5.60
CA GLU B 135 7.86 -21.35 -5.06
C GLU B 135 9.19 -21.66 -5.72
N LYS B 136 9.28 -21.49 -7.05
CA LYS B 136 10.55 -21.70 -7.74
C LYS B 136 11.63 -20.74 -7.27
N LEU B 137 11.25 -19.57 -6.77
CA LEU B 137 12.23 -18.60 -6.27
C LEU B 137 12.63 -18.83 -4.81
N GLY B 138 12.03 -19.83 -4.14
CA GLY B 138 12.31 -20.21 -2.78
C GLY B 138 11.25 -19.86 -1.73
N TYR B 139 10.14 -19.19 -2.09
CA TYR B 139 9.08 -18.88 -1.14
C TYR B 139 8.08 -20.03 -1.00
N SER B 140 7.90 -20.53 0.24
CA SER B 140 7.08 -21.72 0.51
C SER B 140 5.59 -21.42 0.76
N GLY B 141 5.25 -20.21 1.20
CA GLY B 141 3.93 -19.95 1.73
C GLY B 141 3.66 -20.44 3.13
N GLY B 142 4.70 -20.76 3.91
CA GLY B 142 4.55 -21.44 5.19
C GLY B 142 4.33 -20.56 6.41
N ASP B 143 4.67 -19.27 6.34
CA ASP B 143 4.32 -18.30 7.36
C ASP B 143 3.96 -16.96 6.75
N LEU B 144 3.13 -16.19 7.48
CA LEU B 144 2.52 -15.00 6.90
C LEU B 144 3.53 -13.89 6.63
N LEU B 145 4.62 -13.81 7.41
CA LEU B 145 5.66 -12.82 7.10
C LEU B 145 6.34 -13.12 5.78
N GLY B 146 6.75 -14.37 5.57
CA GLY B 146 7.28 -14.73 4.26
C GLY B 146 6.30 -14.48 3.13
N ILE B 147 5.01 -14.68 3.38
CA ILE B 147 3.99 -14.36 2.38
C ILE B 147 3.97 -12.86 2.08
N LEU B 148 3.98 -12.01 3.13
CA LEU B 148 4.03 -10.57 2.91
C LEU B 148 5.29 -10.12 2.19
N GLU B 149 6.45 -10.68 2.56
CA GLU B 149 7.69 -10.27 1.92
C GLU B 149 7.66 -10.61 0.43
N SER B 150 7.22 -11.83 0.10
CA SER B 150 7.19 -12.26 -1.30
C SER B 150 6.33 -11.31 -2.15
N ARG B 151 5.22 -10.82 -1.60
CA ARG B 151 4.31 -9.96 -2.33
C ARG B 151 4.79 -8.51 -2.43
N GLY B 152 5.89 -8.19 -1.76
CA GLY B 152 6.60 -6.95 -1.94
C GLY B 152 7.68 -6.97 -2.99
N ILE B 153 7.86 -8.09 -3.71
CA ILE B 153 8.80 -8.13 -4.82
C ILE B 153 8.36 -7.14 -5.91
N LYS B 154 9.32 -6.37 -6.40
CA LYS B 154 9.13 -5.50 -7.54
C LYS B 154 10.12 -5.82 -8.66
N ALA B 155 9.68 -5.61 -9.90
CA ALA B 155 10.47 -5.90 -11.10
C ALA B 155 10.78 -4.61 -11.84
N ARG B 156 11.97 -4.52 -12.43
CA ARG B 156 12.29 -3.56 -13.47
C ARG B 156 12.57 -4.19 -14.82
N ILE B 157 12.21 -3.48 -15.89
CA ILE B 157 12.45 -3.94 -17.25
C ILE B 157 13.90 -3.68 -17.63
N THR B 158 14.59 -4.72 -18.10
CA THR B 158 15.97 -4.59 -18.56
C THR B 158 16.17 -4.91 -20.04
N HIS B 159 15.22 -5.55 -20.72
CA HIS B 159 15.41 -5.75 -22.14
C HIS B 159 14.06 -6.10 -22.78
N VAL B 160 13.79 -5.50 -23.94
CA VAL B 160 12.62 -5.83 -24.76
C VAL B 160 13.11 -6.26 -26.13
N ASP B 161 12.87 -7.54 -26.46
CA ASP B 161 13.30 -8.17 -27.71
C ASP B 161 12.20 -8.14 -28.75
N THR B 162 12.37 -7.34 -29.80
CA THR B 162 11.40 -7.37 -30.89
C THR B 162 11.67 -8.46 -31.92
N GLU B 163 12.85 -9.10 -31.87
CA GLU B 163 13.17 -10.17 -32.80
C GLU B 163 12.52 -11.49 -32.40
N SER B 164 12.56 -11.86 -31.13
CA SER B 164 11.91 -13.07 -30.66
C SER B 164 10.76 -12.88 -29.69
N TYR B 165 10.36 -11.63 -29.38
CA TYR B 165 9.20 -11.30 -28.55
C TYR B 165 9.32 -11.85 -27.13
N PHE B 166 10.23 -11.25 -26.37
CA PHE B 166 10.25 -11.55 -24.94
C PHE B 166 10.76 -10.33 -24.18
N ILE B 167 10.43 -10.30 -22.89
CA ILE B 167 10.71 -9.16 -22.00
C ILE B 167 11.54 -9.73 -20.86
N VAL B 168 12.73 -9.18 -20.67
CA VAL B 168 13.57 -9.56 -19.53
C VAL B 168 13.35 -8.53 -18.43
N LEU B 169 13.03 -9.03 -17.24
CA LEU B 169 12.85 -8.23 -16.05
C LEU B 169 13.86 -8.67 -15.00
N SER B 170 14.24 -7.72 -14.17
CA SER B 170 15.12 -7.96 -13.04
C SER B 170 14.34 -7.75 -11.75
N ILE B 171 14.42 -8.71 -10.84
CA ILE B 171 13.64 -8.67 -9.61
C ILE B 171 14.64 -8.42 -8.48
N ALA B 172 14.13 -7.94 -7.35
CA ALA B 172 14.90 -7.90 -6.11
C ALA B 172 14.09 -8.47 -4.96
N TYR B 173 14.78 -8.98 -4.00
CA TYR B 173 14.12 -9.66 -2.89
C TYR B 173 13.92 -8.70 -1.74
N PRO B 174 12.70 -8.55 -1.23
CA PRO B 174 12.46 -7.68 -0.08
C PRO B 174 12.95 -8.35 1.20
N THR B 175 13.59 -7.57 2.06
CA THR B 175 13.68 -8.04 3.43
C THR B 175 13.31 -6.91 4.39
N LEU B 176 12.94 -7.32 5.62
CA LEU B 176 12.26 -6.43 6.56
C LEU B 176 13.24 -5.61 7.39
N SER B 177 13.00 -4.32 7.44
CA SER B 177 13.83 -3.35 8.17
C SER B 177 13.02 -2.69 9.27
N GLU B 178 13.18 -3.14 10.52
CA GLU B 178 12.48 -2.49 11.63
C GLU B 178 13.18 -1.19 11.96
N ILE B 179 12.44 -0.10 11.99
CA ILE B 179 13.04 1.25 12.07
C ILE B 179 12.90 1.81 13.48
N LYS B 180 14.00 2.39 13.97
CA LYS B 180 14.44 2.14 15.34
C LYS B 180 13.42 2.64 16.35
N GLY B 181 13.20 3.92 16.33
CA GLY B 181 12.45 4.74 17.23
C GLY B 181 10.98 4.84 17.01
N VAL B 182 10.42 4.25 15.94
CA VAL B 182 9.12 4.67 15.42
C VAL B 182 8.09 3.69 15.95
N ILE B 183 7.08 4.22 16.65
CA ILE B 183 5.92 3.46 17.11
C ILE B 183 4.69 3.96 16.38
N VAL B 184 3.94 3.07 15.78
CA VAL B 184 2.65 3.41 15.19
C VAL B 184 1.57 3.24 16.24
N HIS B 185 0.68 4.24 16.36
CA HIS B 185 -0.41 4.19 17.35
C HIS B 185 -1.73 4.33 16.64
N ARG B 186 -2.66 3.45 16.97
CA ARG B 186 -4.02 3.53 16.45
C ARG B 186 -4.92 4.27 17.43
N LEU B 187 -5.59 5.32 16.96
CA LEU B 187 -6.47 6.15 17.78
C LEU B 187 -7.95 5.88 17.51
N GLU B 188 -8.75 6.05 18.55
CA GLU B 188 -10.16 5.71 18.48
C GLU B 188 -10.90 6.67 19.41
N GLY B 189 -12.01 7.24 18.95
CA GLY B 189 -12.76 8.21 19.73
C GLY B 189 -14.12 7.67 20.14
N VAL B 190 -14.65 8.18 21.22
CA VAL B 190 -16.07 8.00 21.49
C VAL B 190 -16.73 9.35 21.52
N SER B 191 -18.01 9.33 21.17
CA SER B 191 -18.82 10.54 21.18
C SER B 191 -19.14 11.00 22.59
N TYR B 192 -19.44 12.28 22.70
CA TYR B 192 -19.86 12.89 23.94
C TYR B 192 -20.98 13.88 23.67
N ASN B 193 -21.74 14.25 24.71
CA ASN B 193 -22.97 15.00 24.51
C ASN B 193 -22.79 16.41 25.07
N ILE B 194 -23.17 17.40 24.27
CA ILE B 194 -23.48 18.76 24.71
C ILE B 194 -24.95 19.06 24.41
N GLY B 195 -25.80 19.02 25.45
CA GLY B 195 -27.23 18.93 25.21
C GLY B 195 -27.59 17.56 24.68
N SER B 196 -28.33 17.54 23.56
CA SER B 196 -28.64 16.31 22.85
C SER B 196 -27.74 16.09 21.63
N GLN B 197 -26.80 17.02 21.41
CA GLN B 197 -25.82 16.97 20.33
C GLN B 197 -24.65 16.05 20.70
N GLU B 198 -24.33 15.11 19.81
CA GLU B 198 -23.24 14.15 19.98
C GLU B 198 -22.07 14.61 19.13
N TRP B 199 -20.96 14.89 19.79
CA TRP B 199 -19.71 15.28 19.12
C TRP B 199 -18.71 14.15 19.25
N TYR B 200 -17.65 14.21 18.45
CA TYR B 200 -16.43 13.52 18.80
C TYR B 200 -15.22 14.30 18.30
N THR B 201 -14.09 14.11 18.97
CA THR B 201 -12.89 14.86 18.61
C THR B 201 -12.21 14.22 17.41
N THR B 202 -11.78 15.05 16.46
CA THR B 202 -11.25 14.57 15.18
C THR B 202 -9.75 14.39 15.28
N VAL B 203 -9.31 13.13 15.31
CA VAL B 203 -7.89 12.80 15.26
C VAL B 203 -7.70 11.72 14.19
N PRO B 204 -6.47 11.57 13.71
CA PRO B 204 -6.20 10.57 12.66
C PRO B 204 -6.32 9.15 13.17
N LYS B 205 -6.58 8.24 12.24
CA LYS B 205 -6.77 6.86 12.66
C LYS B 205 -5.47 6.27 13.19
N TYR B 206 -4.35 6.59 12.55
CA TYR B 206 -3.01 6.21 12.97
C TYR B 206 -2.14 7.45 13.05
N VAL B 207 -1.34 7.53 14.10
CA VAL B 207 -0.24 8.48 14.17
C VAL B 207 1.03 7.73 14.55
N ALA B 208 2.18 8.37 14.32
CA ALA B 208 3.46 7.77 14.68
C ALA B 208 4.26 8.70 15.57
N THR B 209 4.88 8.12 16.61
CA THR B 209 5.82 8.82 17.45
C THR B 209 7.24 8.44 17.05
N GLN B 210 8.13 9.42 17.10
CA GLN B 210 9.48 9.25 16.60
C GLN B 210 10.35 10.21 17.40
N GLY B 211 10.98 9.72 18.45
CA GLY B 211 11.59 10.54 19.48
C GLY B 211 10.69 11.56 20.17
N TYR B 212 10.97 12.86 20.00
CA TYR B 212 10.07 13.97 20.34
C TYR B 212 8.96 14.26 19.35
N LEU B 213 9.04 13.78 18.12
CA LEU B 213 8.14 14.18 17.06
C LEU B 213 6.94 13.24 17.05
N ILE B 214 5.78 13.79 16.74
CA ILE B 214 4.60 13.02 16.37
C ILE B 214 4.38 13.22 14.88
N SER B 215 4.12 12.15 14.15
CA SER B 215 3.97 12.27 12.72
C SER B 215 2.63 11.69 12.31
N ASN B 216 2.15 12.13 11.15
CA ASN B 216 1.07 11.45 10.47
C ASN B 216 1.57 10.11 9.91
N PHE B 217 0.63 9.21 9.67
CA PHE B 217 0.95 7.87 9.21
C PHE B 217 -0.08 7.43 8.18
N ASP B 218 0.36 7.18 6.94
CA ASP B 218 -0.49 6.66 5.86
C ASP B 218 -0.47 5.14 5.87
N GLU B 219 -1.55 4.53 6.34
CA GLU B 219 -1.63 3.08 6.46
C GLU B 219 -1.98 2.38 5.14
N SER B 220 -2.11 3.13 4.04
CA SER B 220 -2.52 2.53 2.76
C SER B 220 -1.64 1.35 2.40
N SER B 221 -0.32 1.51 2.47
CA SER B 221 0.56 0.45 2.01
C SER B 221 1.02 -0.47 3.13
N CYS B 222 0.31 -0.49 4.25
CA CYS B 222 0.76 -1.31 5.37
C CYS B 222 -0.24 -2.43 5.60
N THR B 223 0.24 -3.54 6.17
CA THR B 223 -0.58 -4.60 6.74
C THR B 223 -0.06 -4.93 8.14
N PHE B 224 -0.99 -5.01 9.11
CA PHE B 224 -0.79 -5.00 10.56
C PHE B 224 -0.63 -6.41 11.12
N MET B 225 0.58 -6.94 11.01
CA MET B 225 0.93 -8.19 11.66
C MET B 225 1.00 -8.06 13.18
N PRO B 226 0.89 -9.18 13.92
CA PRO B 226 0.92 -9.11 15.40
C PRO B 226 2.21 -8.56 15.98
N GLU B 227 3.31 -8.60 15.24
CA GLU B 227 4.59 -8.20 15.80
C GLU B 227 5.13 -6.96 15.11
N GLY B 228 4.32 -6.26 14.32
CA GLY B 228 4.76 -5.02 13.71
C GLY B 228 3.94 -4.69 12.49
N THR B 229 3.97 -3.41 12.14
CA THR B 229 3.36 -2.90 10.93
C THR B 229 4.36 -2.98 9.78
N VAL B 230 4.01 -3.69 8.72
CA VAL B 230 4.89 -3.94 7.59
C VAL B 230 4.41 -3.08 6.43
N CYS B 231 5.24 -2.14 5.99
CA CYS B 231 4.85 -1.24 4.91
C CYS B 231 5.76 -1.37 3.68
N SER B 232 5.14 -1.36 2.51
CA SER B 232 5.78 -1.45 1.21
C SER B 232 6.23 -0.09 0.70
N GLN B 233 5.94 0.98 1.41
CA GLN B 233 6.10 2.37 0.95
C GLN B 233 6.55 3.16 2.18
N ASN B 234 7.11 4.34 1.99
CA ASN B 234 7.17 5.26 3.11
C ASN B 234 5.76 5.54 3.59
N ALA B 235 5.53 5.40 4.90
CA ALA B 235 4.24 5.69 5.51
C ALA B 235 4.25 6.94 6.38
N LEU B 236 5.42 7.49 6.69
CA LEU B 236 5.53 8.62 7.61
C LEU B 236 5.41 9.94 6.88
N TYR B 237 4.69 10.89 7.48
CA TYR B 237 4.53 12.19 6.85
C TYR B 237 4.39 13.24 7.94
N PRO B 238 4.72 14.51 7.63
CA PRO B 238 4.71 15.55 8.67
C PRO B 238 3.32 15.80 9.24
N MET B 239 3.29 16.27 10.48
CA MET B 239 2.08 16.69 11.17
C MET B 239 2.24 18.13 11.63
N SER B 240 1.18 18.92 11.50
CA SER B 240 1.25 20.34 11.84
C SER B 240 1.55 20.51 13.33
N PRO B 241 2.27 21.56 13.69
CA PRO B 241 2.48 21.81 15.12
C PRO B 241 1.18 21.85 15.88
N LEU B 242 0.12 22.41 15.29
CA LEU B 242 -1.13 22.52 16.00
C LEU B 242 -1.71 21.16 16.34
N LEU B 243 -1.73 20.24 15.37
CA LEU B 243 -2.26 18.92 15.68
C LEU B 243 -1.35 18.14 16.61
N GLN B 244 -0.03 18.32 16.52
CA GLN B 244 0.85 17.70 17.50
C GLN B 244 0.54 18.19 18.92
N GLU B 245 0.33 19.50 19.08
CA GLU B 245 -0.07 20.00 20.39
C GLU B 245 -1.36 19.35 20.87
N CYS B 246 -2.33 19.16 19.97
CA CYS B 246 -3.54 18.44 20.36
C CYS B 246 -3.21 17.09 21.01
N LEU B 247 -2.40 16.27 20.33
CA LEU B 247 -2.05 14.95 20.84
C LEU B 247 -1.17 15.01 22.08
N ARG B 248 -0.54 16.14 22.35
CA ARG B 248 0.27 16.31 23.55
C ARG B 248 -0.52 16.79 24.76
N GLY B 249 -1.83 16.90 24.69
CA GLY B 249 -2.64 17.18 25.86
C GLY B 249 -3.40 18.48 25.81
N SER B 250 -3.18 19.30 24.80
CA SER B 250 -3.88 20.57 24.64
C SER B 250 -5.27 20.34 24.05
N THR B 251 -6.26 20.14 24.92
CA THR B 251 -7.59 19.83 24.39
C THR B 251 -8.13 20.94 23.50
N LYS B 252 -7.75 22.20 23.74
CA LYS B 252 -8.28 23.29 22.95
C LYS B 252 -7.77 23.25 21.51
N SER B 253 -6.69 22.52 21.27
CA SER B 253 -6.08 22.42 19.95
C SER B 253 -6.73 21.35 19.08
N CYS B 254 -7.43 20.38 19.67
CA CYS B 254 -8.10 19.34 18.92
C CYS B 254 -9.43 19.85 18.38
N ALA B 255 -9.69 19.65 17.10
CA ALA B 255 -11.00 19.98 16.56
C ALA B 255 -12.00 18.85 16.79
N ARG B 256 -13.27 19.13 16.50
CA ARG B 256 -14.36 18.23 16.82
C ARG B 256 -15.44 18.41 15.77
N THR B 257 -16.27 17.39 15.61
CA THR B 257 -17.30 17.44 14.57
C THR B 257 -18.52 16.66 15.08
N LEU B 258 -19.67 16.85 14.41
CA LEU B 258 -20.88 16.17 14.88
C LEU B 258 -20.98 14.75 14.36
N VAL B 259 -21.59 13.91 15.18
CA VAL B 259 -22.48 12.85 14.72
C VAL B 259 -23.72 13.45 14.08
N SER B 260 -23.63 13.74 12.79
CA SER B 260 -24.81 14.14 12.03
C SER B 260 -25.70 12.94 11.68
N GLY B 261 -25.14 11.72 11.68
CA GLY B 261 -25.84 10.54 11.17
C GLY B 261 -26.05 9.45 12.20
N SER B 262 -25.86 8.20 11.79
CA SER B 262 -25.67 7.10 12.74
C SER B 262 -24.21 6.89 13.12
N PHE B 263 -24.01 6.40 14.33
CA PHE B 263 -22.71 6.44 14.99
C PHE B 263 -22.67 5.28 15.98
N GLY B 264 -21.69 4.39 15.82
CA GLY B 264 -21.63 3.20 16.64
C GLY B 264 -20.57 3.23 17.74
N ASN B 265 -20.06 4.39 18.09
CA ASN B 265 -18.98 4.53 19.08
C ASN B 265 -19.42 5.41 20.23
N ARG B 266 -20.33 4.91 21.05
CA ARG B 266 -20.67 5.63 22.26
C ARG B 266 -20.05 5.00 23.51
N PHE B 267 -19.28 3.93 23.34
CA PHE B 267 -18.46 3.45 24.44
C PHE B 267 -17.26 2.68 23.89
N ILE B 268 -16.30 2.42 24.77
CA ILE B 268 -15.09 1.71 24.42
C ILE B 268 -14.49 1.11 25.68
N LEU B 269 -13.89 -0.07 25.56
CA LEU B 269 -13.17 -0.71 26.65
C LEU B 269 -11.70 -0.33 26.56
N SER B 270 -11.15 0.23 27.64
CA SER B 270 -9.79 0.73 27.56
C SER B 270 -9.13 0.61 28.92
N GLN B 271 -7.97 -0.06 28.97
CA GLN B 271 -7.25 -0.26 30.23
C GLN B 271 -8.12 -0.94 31.29
N GLY B 272 -8.98 -1.86 30.84
CA GLY B 272 -9.91 -2.57 31.71
C GLY B 272 -11.07 -1.75 32.24
N ASN B 273 -11.24 -0.52 31.78
CA ASN B 273 -12.34 0.37 32.12
C ASN B 273 -13.25 0.59 30.92
N LEU B 274 -14.47 1.08 31.20
CA LEU B 274 -15.43 1.54 30.20
C LEU B 274 -15.55 3.06 30.21
N ILE B 275 -15.24 3.67 29.08
CA ILE B 275 -15.58 5.05 28.77
C ILE B 275 -16.83 5.02 27.91
N ALA B 276 -17.89 5.69 28.36
CA ALA B 276 -19.21 5.57 27.78
C ALA B 276 -19.87 6.93 27.81
N ASN B 277 -20.59 7.25 26.74
CA ASN B 277 -21.51 8.38 26.72
C ASN B 277 -22.82 7.85 27.27
N CYS B 278 -22.94 7.92 28.61
CA CYS B 278 -24.13 7.39 29.27
C CYS B 278 -25.32 8.35 29.24
N ALA B 279 -25.19 9.53 28.62
CA ALA B 279 -26.36 10.30 28.19
C ALA B 279 -27.01 9.76 26.93
N SER B 280 -26.30 9.04 26.08
CA SER B 280 -26.83 8.59 24.79
C SER B 280 -27.18 7.11 24.77
N ILE B 281 -26.75 6.33 25.77
CA ILE B 281 -27.16 4.94 25.89
C ILE B 281 -27.41 4.65 27.37
N LEU B 282 -28.17 3.57 27.61
CA LEU B 282 -28.41 3.10 28.97
C LEU B 282 -27.18 2.39 29.54
N CYS B 283 -26.64 2.93 30.63
CA CYS B 283 -25.60 2.30 31.43
C CYS B 283 -26.19 1.82 32.75
N LYS B 284 -25.78 0.64 33.19
CA LYS B 284 -26.42 0.04 34.35
C LYS B 284 -25.37 -0.80 35.06
N CYS B 285 -25.34 -0.69 36.39
CA CYS B 285 -24.52 -1.59 37.17
C CYS B 285 -25.19 -2.94 37.32
N TYR B 286 -24.60 -3.99 36.77
CA TYR B 286 -25.21 -5.30 36.96
C TYR B 286 -25.07 -5.81 38.38
N THR B 287 -23.95 -5.56 39.05
CA THR B 287 -23.80 -6.07 40.41
C THR B 287 -24.93 -5.58 41.32
N THR B 288 -25.27 -4.29 41.27
CA THR B 288 -26.23 -3.73 42.20
C THR B 288 -27.63 -3.54 41.62
N GLY B 289 -27.78 -3.60 40.30
CA GLY B 289 -29.04 -3.37 39.61
C GLY B 289 -29.46 -1.93 39.38
N THR B 290 -28.57 -0.96 39.53
CA THR B 290 -28.93 0.45 39.61
C THR B 290 -28.43 1.15 38.35
N ILE B 291 -29.28 1.98 37.75
CA ILE B 291 -28.84 2.70 36.55
C ILE B 291 -27.68 3.64 36.87
N ILE B 292 -26.86 3.91 35.85
CA ILE B 292 -25.78 4.90 35.93
C ILE B 292 -26.23 6.04 35.05
N ASN B 293 -26.63 7.13 35.68
CA ASN B 293 -26.86 8.39 35.00
C ASN B 293 -25.60 9.21 34.91
N GLN B 294 -25.50 9.90 33.78
CA GLN B 294 -24.40 10.80 33.46
C GLN B 294 -24.83 12.18 33.89
N ASP B 295 -24.08 12.75 34.84
CA ASP B 295 -24.26 14.14 35.23
C ASP B 295 -24.47 14.96 33.95
N PRO B 296 -25.57 15.73 33.86
CA PRO B 296 -25.83 16.46 32.61
C PRO B 296 -24.79 17.54 32.31
N ASP B 297 -23.98 17.96 33.28
CA ASP B 297 -22.87 18.87 33.04
C ASP B 297 -21.56 18.13 32.87
N LYS B 298 -21.63 16.81 32.72
CA LYS B 298 -20.53 16.00 32.25
C LYS B 298 -20.82 15.41 30.87
N ILE B 299 -19.75 15.08 30.16
CA ILE B 299 -19.89 14.59 28.80
C ILE B 299 -19.57 13.10 28.68
N LEU B 300 -18.83 12.51 29.63
CA LEU B 300 -18.56 11.09 29.55
C LEU B 300 -18.56 10.48 30.95
N THR B 301 -18.66 9.16 31.01
CA THR B 301 -18.59 8.41 32.25
C THR B 301 -17.44 7.42 32.15
N TYR B 302 -16.61 7.34 33.21
CA TYR B 302 -15.47 6.44 33.26
C TYR B 302 -15.72 5.36 34.31
N ILE B 303 -16.05 4.17 33.86
CA ILE B 303 -16.63 3.13 34.69
C ILE B 303 -15.55 2.10 35.07
N ALA B 304 -15.36 1.90 36.38
CA ALA B 304 -14.35 1.00 36.91
C ALA B 304 -14.94 0.20 38.07
N ALA B 305 -14.19 -0.80 38.54
CA ALA B 305 -14.65 -1.70 39.61
C ALA B 305 -14.69 -1.05 40.99
N ASP B 306 -14.05 0.10 41.21
CA ASP B 306 -14.29 0.78 42.48
C ASP B 306 -15.77 1.12 42.66
N HIS B 307 -16.51 1.40 41.57
CA HIS B 307 -17.94 1.69 41.68
C HIS B 307 -18.85 0.63 41.10
N CYS B 308 -18.43 -0.17 40.13
CA CYS B 308 -19.30 -1.18 39.54
C CYS B 308 -18.47 -2.31 38.95
N PRO B 309 -18.35 -3.44 39.64
CA PRO B 309 -17.49 -4.52 39.11
C PRO B 309 -17.96 -5.07 37.78
N VAL B 310 -19.27 -5.10 37.54
CA VAL B 310 -19.83 -5.65 36.32
C VAL B 310 -20.91 -4.70 35.83
N VAL B 311 -20.69 -4.07 34.67
CA VAL B 311 -21.58 -3.05 34.15
C VAL B 311 -22.29 -3.58 32.92
N GLU B 312 -23.54 -3.13 32.73
CA GLU B 312 -24.28 -3.45 31.53
C GLU B 312 -24.43 -2.17 30.73
N VAL B 313 -24.13 -2.25 29.44
CA VAL B 313 -23.88 -1.05 28.65
C VAL B 313 -24.48 -1.33 27.29
N ASN B 314 -25.54 -0.61 26.96
CA ASN B 314 -26.28 -0.80 25.72
C ASN B 314 -26.63 -2.28 25.54
N GLY B 315 -26.93 -2.94 26.66
CA GLY B 315 -27.31 -4.33 26.60
C GLY B 315 -26.18 -5.32 26.67
N VAL B 316 -24.91 -4.88 26.74
CA VAL B 316 -23.78 -5.79 26.78
C VAL B 316 -23.19 -5.75 28.17
N THR B 317 -22.91 -6.91 28.73
CA THR B 317 -22.49 -7.03 30.12
C THR B 317 -20.99 -7.28 30.17
N ILE B 318 -20.27 -6.42 30.87
CA ILE B 318 -18.82 -6.40 30.87
C ILE B 318 -18.36 -6.29 32.32
N GLN B 319 -17.51 -7.21 32.74
CA GLN B 319 -16.80 -7.03 34.00
C GLN B 319 -15.58 -6.14 33.79
N VAL B 320 -15.36 -5.20 34.70
CA VAL B 320 -14.29 -4.24 34.51
C VAL B 320 -13.33 -4.38 35.67
N GLY B 321 -12.13 -3.83 35.50
CA GLY B 321 -11.11 -3.90 36.52
C GLY B 321 -10.97 -2.60 37.29
N SER B 322 -9.86 -2.50 38.03
CA SER B 322 -9.73 -1.38 38.94
C SER B 322 -9.47 -0.08 38.16
N ARG B 323 -9.69 1.05 38.83
CA ARG B 323 -9.79 2.31 38.09
C ARG B 323 -8.44 2.68 37.50
N ARG B 324 -8.44 3.00 36.22
CA ARG B 324 -7.28 3.51 35.51
C ARG B 324 -7.55 4.85 34.85
N TYR B 325 -8.77 5.38 34.95
CA TYR B 325 -9.10 6.72 34.47
C TYR B 325 -9.87 7.48 35.55
N PRO B 326 -9.50 8.72 35.85
CA PRO B 326 -10.18 9.49 36.89
C PRO B 326 -11.65 9.71 36.61
N ASP B 327 -12.39 10.03 37.66
CA ASP B 327 -13.80 10.35 37.56
C ASP B 327 -14.00 11.54 36.62
N ALA B 328 -15.03 11.48 35.77
CA ALA B 328 -15.32 12.57 34.85
C ALA B 328 -15.37 13.91 35.56
N VAL B 329 -14.85 14.94 34.90
CA VAL B 329 -14.89 16.31 35.38
C VAL B 329 -16.03 17.06 34.71
N TYR B 330 -16.37 18.21 35.27
CA TYR B 330 -17.39 19.05 34.66
C TYR B 330 -16.90 19.62 33.34
N LEU B 331 -17.82 19.71 32.38
CA LEU B 331 -17.52 20.29 31.06
C LEU B 331 -16.82 21.64 31.17
N HIS B 332 -17.20 22.46 32.15
CA HIS B 332 -16.58 23.77 32.30
C HIS B 332 -15.09 23.69 32.70
N ARG B 333 -14.61 22.51 33.10
CA ARG B 333 -13.21 22.28 33.38
C ARG B 333 -12.48 21.65 32.19
N ILE B 334 -13.10 21.64 31.01
CA ILE B 334 -12.52 21.07 29.79
C ILE B 334 -12.61 22.15 28.71
N ASP B 335 -11.47 22.54 28.15
CA ASP B 335 -11.45 23.47 27.03
C ASP B 335 -11.66 22.71 25.72
N LEU B 336 -12.82 22.85 25.10
CA LEU B 336 -13.06 22.22 23.82
C LEU B 336 -12.52 23.08 22.68
N GLY B 337 -12.05 22.42 21.62
CA GLY B 337 -11.55 23.11 20.46
C GLY B 337 -12.64 23.39 19.45
N PRO B 338 -12.25 23.85 18.26
CA PRO B 338 -13.22 24.37 17.29
C PRO B 338 -14.03 23.24 16.68
N PRO B 339 -15.32 23.43 16.48
CA PRO B 339 -16.06 22.52 15.60
C PRO B 339 -15.73 22.82 14.15
N ILE B 340 -15.57 21.75 13.37
CA ILE B 340 -15.20 21.86 11.96
C ILE B 340 -15.99 20.81 11.18
N SER B 341 -15.98 20.96 9.85
CA SER B 341 -16.50 19.92 8.97
C SER B 341 -15.41 19.54 7.99
N LEU B 342 -15.32 18.24 7.70
CA LEU B 342 -14.15 17.79 6.98
C LEU B 342 -14.39 17.65 5.48
N GLU B 343 -15.62 17.84 5.01
CA GLU B 343 -15.90 17.63 3.60
C GLU B 343 -15.17 18.72 2.83
N ARG B 344 -14.62 18.37 1.68
CA ARG B 344 -13.52 19.19 1.18
C ARG B 344 -14.06 20.53 0.68
N LEU B 345 -15.25 20.50 0.10
CA LEU B 345 -15.93 21.70 -0.36
C LEU B 345 -16.32 22.64 0.80
N ASP B 346 -16.69 22.11 1.98
CA ASP B 346 -16.82 22.98 3.16
C ASP B 346 -15.50 23.63 3.55
N VAL B 347 -14.40 22.88 3.49
CA VAL B 347 -13.11 23.46 3.83
C VAL B 347 -12.80 24.63 2.90
N GLY B 348 -13.02 24.43 1.59
CA GLY B 348 -12.74 25.49 0.63
C GLY B 348 -13.65 26.69 0.82
N THR B 349 -14.93 26.46 1.07
CA THR B 349 -15.86 27.56 1.29
C THR B 349 -15.49 28.35 2.56
N ASN B 350 -15.14 27.68 3.65
CA ASN B 350 -14.78 28.44 4.85
C ASN B 350 -13.42 29.11 4.71
N LEU B 351 -12.47 28.47 4.03
CA LEU B 351 -11.19 29.12 3.78
C LEU B 351 -11.34 30.35 2.92
N GLY B 352 -12.12 30.23 1.83
CA GLY B 352 -12.35 31.36 0.96
C GLY B 352 -12.92 32.55 1.69
N ASN B 353 -13.86 32.30 2.61
CA ASN B 353 -14.37 33.35 3.49
C ASN B 353 -13.29 33.90 4.40
N ALA B 354 -12.46 33.01 4.99
CA ALA B 354 -11.48 33.49 5.96
C ALA B 354 -10.44 34.39 5.32
N ILE B 355 -9.96 34.06 4.11
CA ILE B 355 -8.96 34.90 3.45
C ILE B 355 -9.56 36.25 3.12
N ALA B 356 -10.82 36.27 2.66
CA ALA B 356 -11.50 37.53 2.34
C ALA B 356 -11.64 38.43 3.57
N LYS B 357 -12.07 37.87 4.72
CA LYS B 357 -12.10 38.68 5.94
C LYS B 357 -10.71 39.16 6.34
N LEU B 358 -9.69 38.36 6.08
CA LEU B 358 -8.32 38.65 6.49
C LEU B 358 -7.68 39.73 5.60
N GLU B 359 -8.03 39.73 4.31
CA GLU B 359 -7.68 40.81 3.38
C GLU B 359 -8.41 42.10 3.74
N ASP B 360 -9.64 41.98 4.21
CA ASP B 360 -10.34 43.10 4.82
C ASP B 360 -9.55 43.65 6.00
N ALA B 361 -9.18 42.78 6.96
CA ALA B 361 -8.60 43.19 8.25
C ALA B 361 -7.36 44.05 8.10
N LYS B 362 -6.61 43.93 6.99
CA LYS B 362 -5.39 44.72 6.83
C LYS B 362 -5.69 46.18 6.45
N GLU B 363 -6.90 46.48 5.99
CA GLU B 363 -7.29 47.84 5.61
C GLU B 363 -7.87 48.65 6.77
N LEU B 364 -8.47 47.99 7.78
CA LEU B 364 -8.82 48.68 9.02
C LEU B 364 -7.58 48.91 9.90
N LEU B 365 -6.64 47.96 9.92
CA LEU B 365 -5.37 48.10 10.64
C LEU B 365 -4.37 49.01 9.93
N GLU B 366 -4.69 49.51 8.73
CA GLU B 366 -4.05 50.75 8.28
C GLU B 366 -4.73 51.98 8.86
N SER B 367 -6.07 51.99 8.94
CA SER B 367 -6.78 53.18 9.42
C SER B 367 -6.48 53.47 10.89
N SER B 368 -6.41 52.43 11.74
CA SER B 368 -6.29 52.69 13.18
C SER B 368 -4.86 52.94 13.61
N ASP B 369 -3.88 52.27 12.99
CA ASP B 369 -2.49 52.70 12.99
C ASP B 369 -2.25 53.84 12.00
#